data_8EPK
#
_entry.id   8EPK
#
_cell.length_a   72.496
_cell.length_b   79.579
_cell.length_c   84.317
_cell.angle_alpha   90.000
_cell.angle_beta   101.780
_cell.angle_gamma   90.000
#
_symmetry.space_group_name_H-M   'P 1 21 1'
#
loop_
_entity.id
_entity.type
_entity.pdbx_description
1 polymer 'Coagulation factor IXa light chain'
2 polymer 'Coagulation factor IXa heavy chain'
3 polymer 'RNA (31-MER)'
4 non-polymer 'CALCIUM ION'
5 non-polymer 'MAGNESIUM ION'
6 water water
#
loop_
_entity_poly.entity_id
_entity_poly.type
_entity_poly.pdbx_seq_one_letter_code
_entity_poly.pdbx_strand_id
1 'polypeptide(L)' LDVTCNIKNGRCEQFCKNSADNKVVCSCTEGYRLAENQKSCEPAVPFPCGRVSVSQTSKLTRRKR A,C
2 'polypeptide(L)'
;VVGGEDAKPGQFPWQVVLNGKVDAFCGGSIVNEKWIVTAAHCVETGVKITVVAGEHNIEETEHTEQKRNVIRIIPHHNYN
AAINKYNHDIALLELDEPLVLNSYVTPICIADKEYTNIFLKFGSGYVSGWGRVFHKGRSALVLQYLRVPLVDRATCLRST
KFTIYNNMFCAGFHEGGRDSCQGDAGGPHVTEVEGTSFLTGIISWGEECAMKGKYGIYTKVSRYVNWIKEKTKLT
;
B,D
3 'polyribonucleotide'
;(OMG)(OMU)(OMG)(OMG)(A2M)(CFZ)(UFT)(A2M)(UFT)(A2M)(CFZ)(CFZ)(OMG)(CFZ)(OMG)(UFT)
(A2M)(A2M)(UFT)(OMG)(CFZ)(OMU)G(OMC)(CFZ)(UFT)(OMC)(OMC)(A2M)(OMC)(ATD)
;
E,F
#
# COMPACT_ATOMS: atom_id res chain seq x y z
N LEU A 1 -33.27 36.28 -22.17
CA LEU A 1 -33.19 35.15 -23.13
C LEU A 1 -31.81 35.02 -23.82
N ASP A 2 -30.85 35.86 -23.42
CA ASP A 2 -29.51 35.89 -24.00
C ASP A 2 -28.69 34.72 -23.46
N VAL A 3 -28.08 33.94 -24.37
CA VAL A 3 -27.37 32.71 -24.00
C VAL A 3 -25.96 33.01 -23.50
N THR A 4 -25.57 32.33 -22.42
CA THR A 4 -24.21 32.30 -21.91
C THR A 4 -23.93 30.86 -21.44
N CYS A 5 -22.65 30.56 -21.20
CA CYS A 5 -22.23 29.20 -20.85
C CYS A 5 -22.80 28.68 -19.52
N ASN A 6 -23.18 29.59 -18.61
CA ASN A 6 -23.65 29.19 -17.28
C ASN A 6 -25.13 28.80 -17.19
N ILE A 7 -25.76 28.56 -18.34
CA ILE A 7 -27.10 27.97 -18.43
C ILE A 7 -27.07 26.91 -19.53
N LYS A 8 -27.48 25.68 -19.17
CA LYS A 8 -27.43 24.52 -20.07
C LYS A 8 -26.13 24.45 -20.88
N ASN A 9 -25.00 24.78 -20.25
CA ASN A 9 -23.68 24.75 -20.91
C ASN A 9 -23.70 25.46 -22.27
N GLY A 10 -24.46 26.55 -22.35
CA GLY A 10 -24.71 27.28 -23.59
C GLY A 10 -25.21 26.39 -24.72
N ARG A 11 -25.94 25.34 -24.35
CA ARG A 11 -26.46 24.26 -25.26
C ARG A 11 -25.31 23.62 -26.05
N CYS A 12 -24.07 23.71 -25.55
CA CYS A 12 -22.95 22.99 -26.13
C CYS A 12 -22.96 21.54 -25.62
N GLU A 13 -22.70 20.59 -26.52
CA GLU A 13 -22.71 19.16 -26.18
C GLU A 13 -21.60 18.84 -25.18
N GLN A 14 -20.37 19.18 -25.54
CA GLN A 14 -19.19 18.97 -24.70
C GLN A 14 -18.74 20.26 -24.00
N PHE A 15 -17.96 21.09 -24.70
CA PHE A 15 -17.29 22.25 -24.09
C PHE A 15 -17.86 23.62 -24.51
N CYS A 16 -18.25 24.41 -23.52
CA CYS A 16 -18.60 25.82 -23.61
C CYS A 16 -17.53 26.87 -23.43
N LYS A 17 -17.59 27.98 -24.18
CA LYS A 17 -16.75 29.15 -23.90
C LYS A 17 -17.49 30.45 -24.21
N ASN A 18 -17.44 31.39 -23.27
CA ASN A 18 -18.02 32.72 -23.43
C ASN A 18 -17.14 33.61 -24.29
N SER A 19 -17.80 34.54 -25.00
CA SER A 19 -17.14 35.52 -25.86
C SER A 19 -17.35 36.91 -25.31
N ALA A 20 -16.56 37.88 -25.80
CA ALA A 20 -16.72 39.29 -25.47
C ALA A 20 -18.11 39.79 -25.90
N ASP A 21 -18.59 39.26 -27.04
CA ASP A 21 -19.94 39.53 -27.54
C ASP A 21 -20.97 38.74 -26.73
N ASN A 22 -22.23 38.78 -27.20
CA ASN A 22 -23.32 38.05 -26.57
C ASN A 22 -23.43 36.59 -27.07
N LYS A 23 -22.36 36.11 -27.72
CA LYS A 23 -22.31 34.76 -28.28
C LYS A 23 -21.51 33.83 -27.38
N VAL A 24 -21.83 32.53 -27.46
CA VAL A 24 -21.00 31.46 -26.92
C VAL A 24 -20.35 30.74 -28.09
N VAL A 25 -19.23 30.06 -27.82
CA VAL A 25 -18.55 29.24 -28.81
C VAL A 25 -18.33 27.83 -28.24
N CYS A 26 -19.01 26.85 -28.84
CA CYS A 26 -18.89 25.45 -28.49
C CYS A 26 -17.67 24.83 -29.16
N SER A 27 -17.05 23.88 -28.45
CA SER A 27 -15.95 23.09 -28.99
C SER A 27 -16.09 21.62 -28.54
N CYS A 28 -15.20 20.76 -29.05
CA CYS A 28 -15.20 19.33 -28.77
C CYS A 28 -13.81 18.84 -28.38
N THR A 29 -13.78 17.65 -27.77
CA THR A 29 -12.53 16.99 -27.39
C THR A 29 -11.84 16.44 -28.62
N GLU A 30 -10.59 16.00 -28.46
CA GLU A 30 -9.78 15.57 -29.60
C GLU A 30 -10.48 14.41 -30.29
N GLY A 31 -10.37 14.37 -31.62
CA GLY A 31 -10.98 13.32 -32.42
C GLY A 31 -12.43 13.54 -32.77
N TYR A 32 -13.07 14.54 -32.15
CA TYR A 32 -14.40 15.08 -32.55
C TYR A 32 -14.24 16.43 -33.23
N ARG A 33 -15.28 16.85 -33.95
CA ARG A 33 -15.40 18.20 -34.57
C ARG A 33 -16.81 18.74 -34.32
N LEU A 34 -16.97 20.06 -34.47
CA LEU A 34 -18.22 20.72 -34.26
C LEU A 34 -19.13 20.44 -35.46
N ALA A 35 -20.38 20.06 -35.19
CA ALA A 35 -21.36 19.74 -36.21
C ALA A 35 -21.82 21.02 -36.93
N GLU A 36 -22.71 20.86 -37.93
CA GLU A 36 -23.24 21.97 -38.69
C GLU A 36 -23.94 23.00 -37.81
N ASN A 37 -24.70 22.50 -36.82
CA ASN A 37 -25.48 23.35 -35.92
C ASN A 37 -24.64 24.19 -34.93
N GLN A 38 -23.32 23.95 -34.92
CA GLN A 38 -22.35 24.67 -34.08
C GLN A 38 -22.58 24.44 -32.58
N LYS A 39 -23.25 23.32 -32.25
CA LYS A 39 -23.52 22.92 -30.87
C LYS A 39 -23.02 21.49 -30.61
N SER A 40 -23.50 20.55 -31.44
CA SER A 40 -23.20 19.13 -31.29
C SER A 40 -21.81 18.76 -31.76
N CYS A 41 -21.29 17.65 -31.21
CA CYS A 41 -19.99 17.09 -31.55
C CYS A 41 -20.20 15.80 -32.34
N GLU A 42 -19.45 15.65 -33.45
CA GLU A 42 -19.48 14.46 -34.29
C GLU A 42 -18.06 13.94 -34.50
N PRO A 43 -17.87 12.64 -34.82
CA PRO A 43 -16.53 12.09 -35.01
C PRO A 43 -15.80 12.63 -36.25
N ALA A 44 -14.48 12.82 -36.15
CA ALA A 44 -13.61 13.21 -37.26
C ALA A 44 -12.49 12.22 -37.50
N VAL A 45 -12.61 11.01 -36.91
CA VAL A 45 -11.67 9.91 -37.07
C VAL A 45 -12.40 8.57 -37.03
N PRO A 46 -11.80 7.48 -37.55
CA PRO A 46 -12.41 6.15 -37.48
C PRO A 46 -12.85 5.74 -36.06
N PHE A 47 -11.99 5.98 -35.06
CA PHE A 47 -12.25 5.53 -33.68
C PHE A 47 -11.92 6.60 -32.65
N PRO A 48 -12.83 7.59 -32.45
CA PRO A 48 -12.64 8.64 -31.44
C PRO A 48 -12.81 8.09 -30.01
N CYS A 49 -12.21 8.77 -29.03
CA CYS A 49 -12.27 8.37 -27.63
C CYS A 49 -13.70 8.25 -27.11
N GLY A 50 -13.87 7.52 -26.01
CA GLY A 50 -15.10 7.45 -25.25
C GLY A 50 -16.34 6.95 -25.98
N ARG A 51 -16.14 6.26 -27.11
CA ARG A 51 -17.21 5.83 -28.05
C ARG A 51 -17.27 4.31 -28.11
N VAL A 52 -18.48 3.76 -27.96
CA VAL A 52 -18.76 2.34 -28.15
C VAL A 52 -19.43 2.18 -29.52
N SER A 53 -18.91 1.22 -30.31
CA SER A 53 -19.40 0.96 -31.66
C SER A 53 -19.55 -0.55 -31.92
N VAL A 54 -20.19 -1.25 -30.98
CA VAL A 54 -20.38 -2.71 -31.04
C VAL A 54 -21.83 -3.13 -30.78
N SER A 55 -22.44 -2.58 -29.72
CA SER A 55 -23.83 -2.87 -29.33
C SER A 55 -24.02 -4.33 -28.93
N VAL B 1 -15.60 -6.30 -9.39
CA VAL B 1 -16.66 -5.36 -8.96
C VAL B 1 -17.83 -6.16 -8.39
N VAL B 2 -18.13 -5.93 -7.10
CA VAL B 2 -19.19 -6.66 -6.39
C VAL B 2 -20.51 -5.93 -6.62
N GLY B 3 -21.59 -6.71 -6.80
CA GLY B 3 -22.91 -6.18 -7.06
C GLY B 3 -22.99 -5.44 -8.38
N GLY B 4 -22.18 -5.87 -9.35
CA GLY B 4 -22.14 -5.27 -10.67
C GLY B 4 -22.89 -6.08 -11.70
N GLU B 5 -22.60 -5.83 -12.98
CA GLU B 5 -23.17 -6.56 -14.10
C GLU B 5 -22.08 -6.92 -15.10
N ASP B 6 -22.37 -7.88 -15.97
CA ASP B 6 -21.46 -8.28 -17.04
C ASP B 6 -21.50 -7.23 -18.14
N ALA B 7 -20.32 -6.70 -18.50
CA ALA B 7 -20.16 -5.80 -19.63
C ALA B 7 -20.28 -6.62 -20.90
N LYS B 8 -20.96 -6.06 -21.91
CA LYS B 8 -21.10 -6.70 -23.23
C LYS B 8 -19.78 -6.55 -23.97
N PRO B 9 -19.49 -7.43 -24.95
CA PRO B 9 -18.14 -7.60 -25.49
C PRO B 9 -17.27 -6.32 -25.62
N GLY B 10 -17.82 -5.27 -26.24
CA GLY B 10 -17.07 -4.03 -26.45
C GLY B 10 -17.68 -2.77 -25.81
N GLN B 11 -18.22 -2.93 -24.59
CA GLN B 11 -18.97 -1.86 -23.91
C GLN B 11 -18.08 -0.79 -23.29
N PHE B 12 -16.86 -1.16 -22.90
CA PHE B 12 -15.88 -0.27 -22.29
C PHE B 12 -14.53 -0.40 -22.99
N PRO B 13 -14.43 -0.02 -24.28
CA PRO B 13 -13.25 -0.31 -25.10
C PRO B 13 -11.93 0.32 -24.61
N TRP B 14 -12.00 1.15 -23.57
CA TRP B 14 -10.84 1.86 -23.02
C TRP B 14 -10.18 1.07 -21.87
N GLN B 15 -10.91 0.10 -21.33
CA GLN B 15 -10.43 -0.80 -20.27
C GLN B 15 -9.28 -1.68 -20.72
N VAL B 16 -8.24 -1.77 -19.89
CA VAL B 16 -7.20 -2.77 -20.05
C VAL B 16 -6.92 -3.48 -18.73
N VAL B 17 -6.46 -4.73 -18.83
CA VAL B 17 -6.06 -5.53 -17.67
C VAL B 17 -4.53 -5.55 -17.61
N LEU B 18 -4.00 -5.59 -16.38
CA LEU B 18 -2.57 -5.72 -16.13
C LEU B 18 -2.25 -7.15 -15.70
N ASN B 19 -1.23 -7.72 -16.33
CA ASN B 19 -0.72 -9.05 -16.00
C ASN B 19 0.75 -8.96 -15.65
N GLY B 20 1.13 -9.64 -14.57
CA GLY B 20 2.51 -9.78 -14.13
C GLY B 20 2.73 -11.20 -13.68
N LYS B 21 3.36 -11.36 -12.50
CA LYS B 21 3.55 -12.67 -11.86
C LYS B 21 2.21 -13.36 -11.63
N VAL B 22 1.18 -12.56 -11.39
CA VAL B 22 -0.22 -12.99 -11.33
C VAL B 22 -1.01 -12.23 -12.40
N ASP B 23 -2.01 -12.91 -12.98
CA ASP B 23 -2.90 -12.31 -13.98
C ASP B 23 -4.01 -11.52 -13.31
N ALA B 24 -4.40 -10.40 -13.94
CA ALA B 24 -5.54 -9.58 -13.53
C ALA B 24 -5.39 -8.95 -12.15
N PHE B 25 -4.18 -8.48 -11.85
CA PHE B 25 -3.86 -7.88 -10.56
C PHE B 25 -4.26 -6.42 -10.46
N CYS B 26 -4.44 -5.77 -11.61
CA CYS B 26 -4.87 -4.36 -11.69
C CYS B 26 -5.47 -4.06 -13.05
N GLY B 27 -6.22 -2.96 -13.10
CA GLY B 27 -6.81 -2.44 -14.33
C GLY B 27 -6.01 -1.28 -14.89
N GLY B 28 -6.58 -0.64 -15.90
CA GLY B 28 -5.99 0.51 -16.57
C GLY B 28 -6.92 1.06 -17.64
N SER B 29 -6.59 2.25 -18.12
CA SER B 29 -7.35 2.94 -19.16
C SER B 29 -6.42 3.38 -20.29
N ILE B 30 -6.86 3.16 -21.53
CA ILE B 30 -6.14 3.59 -22.72
C ILE B 30 -6.24 5.11 -22.86
N VAL B 31 -5.08 5.78 -22.89
CA VAL B 31 -4.98 7.21 -23.12
C VAL B 31 -4.79 7.44 -24.61
N ASN B 32 -3.83 6.71 -25.20
CA ASN B 32 -3.62 6.65 -26.64
C ASN B 32 -3.05 5.28 -27.05
N GLU B 33 -2.58 5.18 -28.30
CA GLU B 33 -2.03 3.94 -28.84
C GLU B 33 -0.83 3.43 -28.05
N LYS B 34 -0.06 4.36 -27.47
CA LYS B 34 1.20 4.06 -26.82
C LYS B 34 1.23 4.26 -25.29
N TRP B 35 0.11 4.72 -24.71
CA TRP B 35 0.06 5.08 -23.28
C TRP B 35 -1.20 4.64 -22.56
N ILE B 36 -1.00 4.06 -21.37
CA ILE B 36 -2.05 3.62 -20.47
C ILE B 36 -1.93 4.44 -19.19
N VAL B 37 -3.07 4.68 -18.52
CA VAL B 37 -3.07 5.30 -17.20
C VAL B 37 -3.69 4.32 -16.20
N THR B 38 -3.01 4.16 -15.06
CA THR B 38 -3.37 3.19 -14.03
C THR B 38 -3.10 3.85 -12.67
N ALA B 39 -3.11 3.05 -11.58
CA ALA B 39 -2.79 3.52 -10.24
C ALA B 39 -1.32 3.27 -9.95
N ALA B 40 -0.72 4.12 -9.11
CA ALA B 40 0.71 4.05 -8.81
C ALA B 40 1.06 2.78 -8.04
N HIS B 41 0.15 2.38 -7.14
CA HIS B 41 0.35 1.25 -6.25
C HIS B 41 0.20 -0.11 -6.97
N CYS B 42 -0.26 -0.07 -8.23
CA CYS B 42 -0.25 -1.21 -9.12
C CYS B 42 1.11 -1.46 -9.76
N VAL B 43 2.02 -0.48 -9.69
CA VAL B 43 3.29 -0.53 -10.44
C VAL B 43 4.54 -0.06 -9.67
N GLU B 44 4.47 -0.03 -8.34
CA GLU B 44 5.61 0.33 -7.48
C GLU B 44 6.71 -0.72 -7.63
N THR B 45 6.35 -1.98 -7.41
CA THR B 45 7.27 -3.10 -7.55
C THR B 45 7.62 -3.28 -9.02
N GLY B 46 8.92 -3.48 -9.30
CA GLY B 46 9.48 -3.43 -10.64
C GLY B 46 9.46 -4.74 -11.40
N VAL B 47 8.28 -5.36 -11.47
CA VAL B 47 8.04 -6.54 -12.30
C VAL B 47 7.75 -6.07 -13.72
N LYS B 48 8.16 -6.86 -14.71
CA LYS B 48 7.83 -6.58 -16.10
C LYS B 48 6.32 -6.77 -16.24
N ILE B 49 5.63 -5.68 -16.62
CA ILE B 49 4.17 -5.66 -16.72
C ILE B 49 3.76 -5.95 -18.17
N THR B 50 2.56 -6.53 -18.31
CA THR B 50 1.96 -6.81 -19.60
C THR B 50 0.54 -6.28 -19.61
N VAL B 51 0.19 -5.55 -20.69
CA VAL B 51 -1.11 -4.90 -20.84
C VAL B 51 -1.91 -5.59 -21.93
N VAL B 52 -3.20 -5.80 -21.67
CA VAL B 52 -4.12 -6.45 -22.61
C VAL B 52 -5.39 -5.62 -22.80
N ALA B 53 -5.58 -5.15 -24.04
CA ALA B 53 -6.76 -4.41 -24.45
C ALA B 53 -7.53 -5.28 -25.41
N GLY B 54 -8.84 -5.04 -25.49
CA GLY B 54 -9.75 -5.85 -26.28
C GLY B 54 -10.03 -7.16 -25.59
N GLU B 55 -10.04 -7.09 -24.25
CA GLU B 55 -10.34 -8.22 -23.38
C GLU B 55 -11.84 -8.23 -23.13
N HIS B 56 -12.37 -9.41 -22.77
CA HIS B 56 -13.76 -9.55 -22.32
C HIS B 56 -13.85 -10.65 -21.27
N ASN B 57 -13.44 -11.86 -21.64
CA ASN B 57 -13.27 -12.98 -20.72
C ASN B 57 -11.79 -13.33 -20.66
N ILE B 58 -11.20 -13.18 -19.48
CA ILE B 58 -9.76 -13.42 -19.26
C ILE B 58 -9.35 -14.91 -19.30
N GLU B 59 -10.32 -15.81 -19.17
CA GLU B 59 -10.08 -17.26 -19.23
C GLU B 59 -10.17 -17.85 -20.65
N GLU B 60 -10.85 -17.14 -21.56
CA GLU B 60 -11.04 -17.56 -22.95
C GLU B 60 -10.33 -16.62 -23.91
N THR B 61 -10.40 -16.91 -25.22
CA THR B 61 -9.77 -16.09 -26.27
C THR B 61 -10.82 -15.64 -27.29
N GLU B 62 -10.90 -14.33 -27.51
CA GLU B 62 -11.91 -13.71 -28.38
C GLU B 62 -11.38 -13.15 -29.71
N HIS B 63 -10.05 -13.21 -29.89
CA HIS B 63 -9.35 -12.73 -31.10
C HIS B 63 -9.39 -11.20 -31.28
N THR B 64 -9.92 -10.49 -30.29
CA THR B 64 -9.99 -9.03 -30.26
C THR B 64 -8.86 -8.45 -29.41
N GLU B 65 -8.16 -9.33 -28.68
CA GLU B 65 -7.15 -8.96 -27.69
C GLU B 65 -5.88 -8.40 -28.32
N GLN B 66 -5.16 -7.58 -27.55
CA GLN B 66 -3.86 -7.05 -27.96
C GLN B 66 -2.94 -6.96 -26.73
N LYS B 67 -1.95 -7.85 -26.68
CA LYS B 67 -0.92 -7.84 -25.64
C LYS B 67 0.18 -6.87 -26.01
N ARG B 68 0.63 -6.09 -25.02
CA ARG B 68 1.78 -5.15 -25.15
C ARG B 68 2.63 -5.21 -23.89
N ASN B 69 3.95 -5.04 -24.05
CA ASN B 69 4.91 -4.96 -22.95
C ASN B 69 5.16 -3.51 -22.55
N VAL B 70 5.04 -3.22 -21.25
CA VAL B 70 5.36 -1.91 -20.71
C VAL B 70 6.87 -1.72 -20.74
N ILE B 71 7.31 -0.60 -21.34
CA ILE B 71 8.74 -0.28 -21.49
C ILE B 71 9.17 0.96 -20.69
N ARG B 72 8.21 1.56 -19.95
CA ARG B 72 8.46 2.72 -19.05
C ARG B 72 7.26 2.88 -18.11
N ILE B 73 7.52 3.06 -16.81
CA ILE B 73 6.48 3.33 -15.83
C ILE B 73 6.80 4.66 -15.16
N ILE B 74 5.88 5.62 -15.27
CA ILE B 74 5.99 6.92 -14.63
C ILE B 74 4.96 7.04 -13.52
N PRO B 75 5.30 6.67 -12.26
CA PRO B 75 4.41 6.91 -11.13
C PRO B 75 4.41 8.41 -10.81
N HIS B 76 3.27 8.96 -10.40
CA HIS B 76 3.20 10.37 -10.10
C HIS B 76 4.21 10.70 -9.04
N HIS B 77 5.07 11.68 -9.33
CA HIS B 77 6.28 11.97 -8.54
C HIS B 77 6.05 12.28 -7.07
N ASN B 78 4.80 12.61 -6.69
CA ASN B 78 4.44 12.90 -5.31
C ASN B 78 3.85 11.71 -4.55
N TYR B 79 3.63 10.58 -5.22
CA TYR B 79 3.03 9.37 -4.62
C TYR B 79 4.03 8.71 -3.66
N ASN B 80 3.54 8.36 -2.46
CA ASN B 80 4.30 7.58 -1.48
C ASN B 80 3.38 7.00 -0.41
N ALA B 81 3.09 5.70 -0.53
CA ALA B 81 2.14 5.00 0.34
C ALA B 81 2.56 4.96 1.81
N ALA B 82 3.87 5.05 2.06
CA ALA B 82 4.38 5.16 3.42
C ALA B 82 3.84 6.42 4.10
N ILE B 83 3.77 7.52 3.34
CA ILE B 83 3.28 8.80 3.83
C ILE B 83 1.76 8.77 3.82
N ASN B 84 1.17 8.54 2.64
CA ASN B 84 -0.28 8.42 2.49
C ASN B 84 -0.66 7.44 1.40
N LYS B 85 -1.55 6.50 1.76
CA LYS B 85 -1.94 5.38 0.92
C LYS B 85 -2.54 5.78 -0.44
N TYR B 86 -3.45 6.76 -0.40
CA TYR B 86 -4.42 7.10 -1.48
C TYR B 86 -3.95 8.30 -2.32
N ASN B 87 -3.25 9.25 -1.70
CA ASN B 87 -2.93 10.53 -2.29
C ASN B 87 -1.90 10.42 -3.41
N HIS B 88 -2.26 10.92 -4.61
CA HIS B 88 -1.43 10.86 -5.82
C HIS B 88 -1.31 9.46 -6.44
N ASP B 89 -2.28 8.59 -6.14
CA ASP B 89 -2.27 7.22 -6.62
C ASP B 89 -2.67 7.16 -8.10
N ILE B 90 -1.71 7.52 -8.95
CA ILE B 90 -1.88 7.52 -10.40
C ILE B 90 -0.52 7.35 -11.05
N ALA B 91 -0.50 6.65 -12.18
CA ALA B 91 0.73 6.35 -12.91
C ALA B 91 0.44 6.14 -14.40
N LEU B 92 1.48 6.31 -15.22
CA LEU B 92 1.39 6.16 -16.67
C LEU B 92 2.34 5.05 -17.14
N LEU B 93 1.85 4.22 -18.08
CA LEU B 93 2.60 3.12 -18.66
C LEU B 93 2.74 3.33 -20.18
N GLU B 94 3.99 3.41 -20.66
CA GLU B 94 4.28 3.45 -22.10
C GLU B 94 4.45 2.02 -22.63
N LEU B 95 3.80 1.72 -23.75
CA LEU B 95 3.83 0.39 -24.37
C LEU B 95 4.95 0.30 -25.41
N ASP B 96 5.34 -0.94 -25.75
CA ASP B 96 6.46 -1.18 -26.69
C ASP B 96 6.04 -0.86 -28.11
N GLU B 97 4.95 -1.51 -28.56
CA GLU B 97 4.37 -1.28 -29.88
C GLU B 97 3.05 -0.54 -29.70
N PRO B 98 2.67 0.35 -30.64
CA PRO B 98 1.34 0.97 -30.63
C PRO B 98 0.20 -0.05 -30.71
N LEU B 99 -0.85 0.14 -29.91
CA LEU B 99 -2.12 -0.52 -30.12
C LEU B 99 -2.64 -0.04 -31.46
N VAL B 100 -3.45 -0.87 -32.14
CA VAL B 100 -4.17 -0.45 -33.33
C VAL B 100 -5.63 -0.23 -32.94
N LEU B 101 -6.09 1.02 -33.03
CA LEU B 101 -7.42 1.41 -32.57
C LEU B 101 -8.49 0.76 -33.43
N ASN B 102 -9.49 0.18 -32.75
CA ASN B 102 -10.68 -0.37 -33.39
C ASN B 102 -11.83 -0.32 -32.39
N SER B 103 -12.92 -1.04 -32.68
CA SER B 103 -14.15 -0.96 -31.91
C SER B 103 -14.03 -1.50 -30.48
N TYR B 104 -13.08 -2.43 -30.28
CA TYR B 104 -12.81 -3.13 -28.99
C TYR B 104 -11.63 -2.46 -28.27
N VAL B 105 -10.79 -1.73 -29.00
CA VAL B 105 -9.65 -0.99 -28.44
C VAL B 105 -9.76 0.49 -28.82
N THR B 106 -10.33 1.28 -27.91
CA THR B 106 -10.54 2.73 -28.12
C THR B 106 -10.15 3.53 -26.88
N PRO B 107 -9.41 4.66 -27.01
CA PRO B 107 -9.06 5.51 -25.88
C PRO B 107 -10.25 6.08 -25.10
N ILE B 108 -10.00 6.57 -23.89
CA ILE B 108 -10.97 7.29 -23.09
C ILE B 108 -10.69 8.77 -23.28
N CYS B 109 -11.75 9.59 -23.38
CA CYS B 109 -11.61 11.03 -23.53
C CYS B 109 -11.13 11.60 -22.21
N ILE B 110 -10.20 12.57 -22.28
CA ILE B 110 -9.70 13.30 -21.13
C ILE B 110 -9.90 14.79 -21.39
N ALA B 111 -10.85 15.38 -20.65
CA ALA B 111 -11.17 16.80 -20.76
C ALA B 111 -10.08 17.64 -20.09
N ASP B 112 -10.39 18.89 -19.80
CA ASP B 112 -9.47 19.80 -19.12
C ASP B 112 -9.82 19.87 -17.63
N LYS B 113 -8.98 20.57 -16.87
CA LYS B 113 -9.16 20.74 -15.42
C LYS B 113 -10.62 20.99 -15.07
N GLU B 114 -11.22 21.95 -15.79
CA GLU B 114 -12.50 22.53 -15.45
C GLU B 114 -13.66 21.57 -15.73
N TYR B 115 -13.67 21.00 -16.94
CA TYR B 115 -14.79 20.15 -17.44
C TYR B 115 -14.70 18.75 -16.84
N THR B 116 -13.48 18.23 -16.63
CA THR B 116 -13.28 16.98 -15.89
C THR B 116 -13.99 17.07 -14.53
N ASN B 117 -13.83 18.20 -13.84
CA ASN B 117 -14.49 18.42 -12.55
C ASN B 117 -16.00 18.59 -12.65
N ILE B 118 -16.45 19.22 -13.74
CA ILE B 118 -17.88 19.43 -13.96
C ILE B 118 -18.51 18.07 -14.17
N PHE B 119 -17.91 17.27 -15.05
CA PHE B 119 -18.38 15.93 -15.34
C PHE B 119 -18.41 15.03 -14.08
N LEU B 120 -17.38 15.14 -13.23
CA LEU B 120 -17.37 14.46 -11.92
C LEU B 120 -18.58 14.87 -11.08
N LYS B 121 -18.90 16.18 -11.09
CA LYS B 121 -19.96 16.75 -10.25
C LYS B 121 -21.38 16.42 -10.72
N PHE B 122 -21.49 15.82 -11.91
CA PHE B 122 -22.75 15.24 -12.38
C PHE B 122 -23.27 14.27 -11.32
N GLY B 123 -22.36 13.51 -10.71
CA GLY B 123 -22.61 12.75 -9.51
C GLY B 123 -22.87 11.27 -9.71
N SER B 124 -22.38 10.72 -10.82
CA SER B 124 -22.55 9.31 -11.16
C SER B 124 -21.62 8.90 -12.27
N GLY B 125 -20.73 7.94 -11.97
CA GLY B 125 -19.75 7.44 -12.92
C GLY B 125 -19.82 5.94 -13.03
N TYR B 126 -19.17 5.41 -14.07
CA TYR B 126 -19.05 3.97 -14.36
C TYR B 126 -17.66 3.46 -13.94
N VAL B 127 -17.61 2.53 -12.99
CA VAL B 127 -16.39 1.81 -12.63
C VAL B 127 -16.46 0.38 -13.15
N SER B 128 -15.32 -0.16 -13.55
CA SER B 128 -15.23 -1.47 -14.16
C SER B 128 -13.85 -2.15 -13.97
N GLY B 129 -13.84 -3.48 -14.16
CA GLY B 129 -12.63 -4.29 -14.06
C GLY B 129 -12.93 -5.74 -13.78
N TRP B 130 -11.91 -6.59 -13.94
CA TRP B 130 -12.00 -8.03 -13.62
C TRP B 130 -11.50 -8.28 -12.19
N GLY B 131 -12.09 -7.58 -11.23
CA GLY B 131 -11.73 -7.68 -9.83
C GLY B 131 -12.52 -8.77 -9.19
N ARG B 132 -12.59 -8.75 -7.85
CA ARG B 132 -13.31 -9.76 -7.04
C ARG B 132 -14.82 -9.56 -7.22
N VAL B 133 -15.55 -10.64 -7.47
CA VAL B 133 -17.01 -10.65 -7.59
C VAL B 133 -17.67 -10.58 -6.20
N PHE B 134 -16.88 -10.88 -5.16
CA PHE B 134 -17.29 -10.72 -3.77
C PHE B 134 -16.15 -10.10 -2.94
N HIS B 135 -16.46 -9.73 -1.69
CA HIS B 135 -15.51 -9.18 -0.73
C HIS B 135 -14.23 -10.04 -0.68
N LYS B 136 -14.41 -11.34 -0.39
CA LYS B 136 -13.38 -12.37 -0.53
C LYS B 136 -13.77 -13.34 -1.63
N GLY B 137 -13.10 -13.23 -2.78
CA GLY B 137 -13.39 -14.07 -3.93
C GLY B 137 -12.30 -14.11 -4.97
N ARG B 138 -12.52 -14.93 -6.00
CA ARG B 138 -11.64 -15.08 -7.19
C ARG B 138 -11.84 -13.87 -8.11
N SER B 139 -10.92 -13.65 -9.06
CA SER B 139 -11.08 -12.65 -10.10
C SER B 139 -12.30 -12.97 -10.97
N ALA B 140 -12.98 -11.92 -11.43
CA ALA B 140 -14.15 -12.04 -12.29
C ALA B 140 -13.74 -12.67 -13.62
N LEU B 141 -14.63 -13.51 -14.17
CA LEU B 141 -14.39 -14.18 -15.44
C LEU B 141 -14.60 -13.16 -16.56
N VAL B 142 -15.83 -12.64 -16.67
CA VAL B 142 -16.17 -11.58 -17.62
C VAL B 142 -16.05 -10.20 -16.98
N LEU B 143 -15.77 -9.19 -17.81
CA LEU B 143 -15.62 -7.80 -17.39
C LEU B 143 -16.85 -7.33 -16.63
N GLN B 144 -16.64 -6.74 -15.45
CA GLN B 144 -17.70 -6.25 -14.58
C GLN B 144 -17.71 -4.73 -14.58
N TYR B 145 -18.92 -4.14 -14.57
CA TYR B 145 -19.14 -2.68 -14.48
C TYR B 145 -20.22 -2.38 -13.42
N LEU B 146 -20.11 -1.22 -12.77
CA LEU B 146 -21.05 -0.76 -11.77
C LEU B 146 -21.10 0.76 -11.82
N ARG B 147 -22.32 1.30 -11.74
CA ARG B 147 -22.60 2.76 -11.68
C ARG B 147 -22.55 3.19 -10.20
N VAL B 148 -21.66 4.14 -9.87
CA VAL B 148 -21.40 4.54 -8.49
C VAL B 148 -21.71 6.02 -8.27
N PRO B 149 -22.64 6.36 -7.36
CA PRO B 149 -22.95 7.77 -7.08
C PRO B 149 -21.82 8.45 -6.29
N LEU B 150 -21.44 9.67 -6.71
CA LEU B 150 -20.46 10.48 -6.02
C LEU B 150 -20.98 10.85 -4.62
N VAL B 151 -20.08 10.80 -3.64
CA VAL B 151 -20.41 11.05 -2.25
C VAL B 151 -19.68 12.29 -1.72
N ASP B 152 -20.44 13.11 -0.97
CA ASP B 152 -19.94 14.29 -0.27
C ASP B 152 -18.75 13.92 0.63
N ARG B 153 -17.67 14.70 0.53
CA ARG B 153 -16.38 14.42 1.23
C ARG B 153 -16.59 14.49 2.75
N ALA B 154 -17.50 15.35 3.20
CA ALA B 154 -17.84 15.45 4.63
C ALA B 154 -18.45 14.13 5.12
N THR B 155 -19.49 13.66 4.42
CA THR B 155 -20.19 12.44 4.78
C THR B 155 -19.30 11.19 4.63
N CYS B 156 -18.43 11.21 3.63
CA CYS B 156 -17.47 10.13 3.41
C CYS B 156 -16.46 10.06 4.56
N LEU B 157 -15.90 11.22 4.93
CA LEU B 157 -14.93 11.33 6.02
C LEU B 157 -15.54 10.87 7.34
N ARG B 158 -16.81 11.23 7.58
CA ARG B 158 -17.56 10.87 8.81
C ARG B 158 -17.78 9.34 8.84
N SER B 159 -17.88 8.70 7.67
CA SER B 159 -17.96 7.25 7.57
C SER B 159 -16.60 6.51 7.60
N THR B 160 -15.76 6.79 6.61
CA THR B 160 -14.41 6.23 6.52
C THR B 160 -13.47 7.11 7.34
N LYS B 161 -12.53 6.47 8.04
CA LYS B 161 -11.56 7.14 8.94
C LYS B 161 -10.64 8.16 8.22
N PHE B 162 -10.49 8.00 6.90
CA PHE B 162 -9.48 8.69 6.10
C PHE B 162 -9.89 10.13 5.82
N THR B 163 -8.89 11.03 5.79
CA THR B 163 -9.07 12.38 5.31
C THR B 163 -9.05 12.35 3.79
N ILE B 164 -10.03 13.00 3.17
CA ILE B 164 -10.11 13.11 1.72
C ILE B 164 -9.44 14.42 1.28
N TYR B 165 -8.24 14.29 0.73
CA TYR B 165 -7.48 15.39 0.08
C TYR B 165 -8.23 15.82 -1.19
N ASN B 166 -7.90 17.00 -1.73
CA ASN B 166 -8.52 17.50 -2.94
C ASN B 166 -8.18 16.67 -4.18
N ASN B 167 -7.18 15.78 -4.06
CA ASN B 167 -6.84 14.84 -5.13
C ASN B 167 -7.61 13.52 -5.08
N MET B 168 -8.50 13.38 -4.09
CA MET B 168 -9.28 12.16 -3.87
C MET B 168 -10.77 12.47 -3.93
N PHE B 169 -11.60 11.43 -4.04
CA PHE B 169 -13.05 11.53 -3.86
C PHE B 169 -13.67 10.16 -3.62
N CYS B 170 -14.83 10.16 -2.95
CA CYS B 170 -15.54 8.94 -2.57
C CYS B 170 -16.74 8.69 -3.47
N ALA B 171 -17.03 7.41 -3.74
CA ALA B 171 -18.18 6.99 -4.52
C ALA B 171 -18.61 5.58 -4.15
N GLY B 172 -19.93 5.34 -4.19
CA GLY B 172 -20.52 4.07 -3.80
C GLY B 172 -21.72 4.27 -2.89
N PHE B 173 -22.06 3.23 -2.13
CA PHE B 173 -23.27 3.19 -1.30
C PHE B 173 -22.89 2.98 0.16
N HIS B 174 -23.79 3.37 1.07
CA HIS B 174 -23.54 3.27 2.50
C HIS B 174 -23.74 1.85 2.98
N GLU B 175 -24.98 1.36 2.90
CA GLU B 175 -25.37 0.04 3.41
C GLU B 175 -25.50 -0.98 2.27
N GLY B 176 -24.57 -0.91 1.31
CA GLY B 176 -24.65 -1.70 0.09
C GLY B 176 -23.71 -2.88 0.04
N GLY B 177 -23.94 -3.75 -0.93
CA GLY B 177 -22.99 -4.76 -1.37
C GLY B 177 -22.46 -4.41 -2.76
N ARG B 178 -22.28 -3.11 -3.01
CA ARG B 178 -21.86 -2.55 -4.31
C ARG B 178 -20.60 -1.69 -4.11
N ASP B 179 -19.54 -1.98 -4.87
CA ASP B 179 -18.26 -1.28 -4.79
C ASP B 179 -17.24 -2.00 -5.68
N SER B 180 -16.18 -1.27 -6.07
CA SER B 180 -15.00 -1.85 -6.69
C SER B 180 -14.19 -2.61 -5.61
N CYS B 181 -13.40 -3.60 -6.06
CA CYS B 181 -12.54 -4.38 -5.18
C CYS B 181 -11.10 -4.41 -5.69
N GLN B 182 -10.24 -5.10 -4.93
CA GLN B 182 -8.90 -5.43 -5.35
C GLN B 182 -8.96 -6.12 -6.70
N GLY B 183 -8.10 -5.67 -7.63
CA GLY B 183 -8.07 -6.17 -9.00
C GLY B 183 -8.64 -5.13 -9.94
N ASP B 184 -9.70 -4.47 -9.50
CA ASP B 184 -10.28 -3.33 -10.20
C ASP B 184 -9.34 -2.13 -10.15
N ALA B 185 -8.52 -2.07 -9.10
CA ALA B 185 -7.58 -0.96 -8.86
C ALA B 185 -6.78 -0.62 -10.11
N GLY B 186 -6.60 0.70 -10.32
CA GLY B 186 -5.95 1.24 -11.50
C GLY B 186 -6.90 1.41 -12.67
N GLY B 187 -8.15 0.94 -12.51
CA GLY B 187 -9.15 0.97 -13.56
C GLY B 187 -9.82 2.32 -13.68
N PRO B 188 -10.69 2.51 -14.70
CA PRO B 188 -11.36 3.79 -14.91
C PRO B 188 -12.62 4.00 -14.06
N HIS B 189 -12.73 5.19 -13.44
CA HIS B 189 -14.00 5.76 -13.04
C HIS B 189 -14.30 6.78 -14.12
N VAL B 190 -15.40 6.56 -14.85
CA VAL B 190 -15.72 7.29 -16.06
C VAL B 190 -17.12 7.87 -16.00
N THR B 191 -17.25 9.15 -16.37
CA THR B 191 -18.55 9.82 -16.50
C THR B 191 -18.88 9.96 -17.98
N GLU B 192 -20.12 9.64 -18.33
CA GLU B 192 -20.62 9.70 -19.70
C GLU B 192 -21.51 10.94 -19.91
N VAL B 193 -21.29 11.62 -21.03
CA VAL B 193 -22.02 12.84 -21.40
C VAL B 193 -22.40 12.78 -22.87
N GLU B 194 -23.71 12.79 -23.14
CA GLU B 194 -24.25 12.73 -24.50
C GLU B 194 -23.65 11.57 -25.31
N GLY B 195 -23.45 10.43 -24.63
CA GLY B 195 -22.89 9.22 -25.24
C GLY B 195 -21.40 9.29 -25.56
N THR B 196 -20.67 10.11 -24.79
CA THR B 196 -19.21 10.16 -24.84
C THR B 196 -18.66 10.07 -23.42
N SER B 197 -17.67 9.19 -23.23
CA SER B 197 -17.13 8.88 -21.92
C SER B 197 -15.83 9.62 -21.65
N PHE B 198 -15.77 10.25 -20.47
CA PHE B 198 -14.60 11.02 -20.03
C PHE B 198 -14.03 10.41 -18.74
N LEU B 199 -12.70 10.34 -18.67
CA LEU B 199 -12.01 9.84 -17.49
C LEU B 199 -12.13 10.85 -16.36
N THR B 200 -12.99 10.55 -15.37
CA THR B 200 -13.16 11.40 -14.18
C THR B 200 -12.49 10.87 -12.91
N GLY B 201 -12.04 9.61 -12.94
CA GLY B 201 -11.36 9.01 -11.81
C GLY B 201 -10.53 7.78 -12.10
N ILE B 202 -9.56 7.50 -11.22
CA ILE B 202 -8.80 6.25 -11.19
C ILE B 202 -9.19 5.46 -9.94
N ILE B 203 -9.46 4.16 -10.13
CA ILE B 203 -9.85 3.28 -9.02
C ILE B 203 -8.61 2.96 -8.17
N SER B 204 -8.70 3.21 -6.87
CA SER B 204 -7.59 3.06 -5.95
C SER B 204 -7.65 1.71 -5.20
N TRP B 205 -7.03 1.67 -4.02
CA TRP B 205 -7.08 0.52 -3.14
C TRP B 205 -8.53 0.11 -2.90
N GLY B 206 -8.79 -1.20 -2.90
CA GLY B 206 -10.14 -1.73 -2.79
C GLY B 206 -10.32 -2.88 -1.82
N GLU B 207 -9.33 -3.17 -0.99
CA GLU B 207 -9.46 -4.25 0.00
C GLU B 207 -10.58 -3.85 0.97
N GLU B 208 -11.37 -4.85 1.37
CA GLU B 208 -12.53 -4.66 2.25
C GLU B 208 -13.63 -3.85 1.58
N CYS B 209 -14.08 -4.33 0.41
CA CYS B 209 -14.88 -3.56 -0.55
C CYS B 209 -16.17 -2.89 -0.08
N ALA B 210 -17.18 -3.70 0.28
CA ALA B 210 -18.55 -3.25 0.44
C ALA B 210 -19.09 -3.40 1.87
N MET B 211 -18.24 -3.03 2.84
CA MET B 211 -18.59 -3.07 4.27
C MET B 211 -19.59 -1.95 4.57
N LYS B 212 -20.58 -2.25 5.40
CA LYS B 212 -21.64 -1.30 5.76
C LYS B 212 -21.03 0.00 6.29
N GLY B 213 -21.34 1.10 5.60
CA GLY B 213 -20.85 2.43 5.95
C GLY B 213 -19.43 2.70 5.53
N LYS B 214 -19.02 2.12 4.39
CA LYS B 214 -17.70 2.32 3.81
C LYS B 214 -17.81 2.46 2.29
N TYR B 215 -17.55 3.68 1.80
CA TYR B 215 -17.60 4.06 0.36
C TYR B 215 -16.26 3.72 -0.30
N GLY B 216 -16.26 3.61 -1.63
CA GLY B 216 -15.05 3.40 -2.40
C GLY B 216 -14.30 4.71 -2.55
N ILE B 217 -12.96 4.63 -2.48
CA ILE B 217 -12.09 5.79 -2.58
C ILE B 217 -11.38 5.76 -3.93
N TYR B 218 -11.45 6.87 -4.66
CA TYR B 218 -10.97 7.02 -6.06
C TYR B 218 -10.07 8.27 -6.17
N THR B 219 -9.12 8.23 -7.12
CA THR B 219 -8.19 9.32 -7.38
C THR B 219 -8.87 10.28 -8.36
N LYS B 220 -8.87 11.58 -8.01
CA LYS B 220 -9.58 12.62 -8.76
C LYS B 220 -8.77 13.08 -9.97
N VAL B 221 -9.17 12.60 -11.16
CA VAL B 221 -8.42 12.80 -12.39
C VAL B 221 -8.28 14.26 -12.78
N SER B 222 -9.33 15.07 -12.52
CA SER B 222 -9.30 16.51 -12.87
C SER B 222 -7.96 17.17 -12.51
N ARG B 223 -7.40 16.79 -11.35
CA ARG B 223 -6.17 17.38 -10.76
C ARG B 223 -4.91 16.96 -11.53
N TYR B 224 -4.98 15.94 -12.40
CA TYR B 224 -3.79 15.32 -13.06
C TYR B 224 -3.90 15.37 -14.58
N VAL B 225 -4.93 16.04 -15.13
CA VAL B 225 -5.15 15.99 -16.57
C VAL B 225 -3.99 16.63 -17.34
N ASN B 226 -3.49 17.78 -16.85
CA ASN B 226 -2.35 18.45 -17.46
C ASN B 226 -1.13 17.55 -17.55
N TRP B 227 -0.81 16.92 -16.42
CA TRP B 227 0.29 15.99 -16.28
C TRP B 227 0.15 14.79 -17.25
N ILE B 228 -1.05 14.20 -17.30
CA ILE B 228 -1.34 13.09 -18.19
C ILE B 228 -1.01 13.49 -19.63
N LYS B 229 -1.63 14.60 -20.07
CA LYS B 229 -1.53 15.08 -21.45
C LYS B 229 -0.09 15.44 -21.82
N GLU B 230 0.62 16.06 -20.88
CA GLU B 230 2.04 16.40 -21.04
C GLU B 230 2.88 15.15 -21.34
N LYS B 231 2.74 14.12 -20.49
CA LYS B 231 3.60 12.94 -20.51
C LYS B 231 3.27 11.94 -21.63
N THR B 232 1.98 11.82 -21.97
CA THR B 232 1.52 10.85 -22.97
C THR B 232 1.48 11.43 -24.40
N LYS B 233 1.99 12.66 -24.56
CA LYS B 233 1.96 13.38 -25.83
C LYS B 233 2.77 12.65 -26.90
N LEU B 234 2.07 12.18 -27.94
CA LEU B 234 2.67 11.39 -29.02
C LEU B 234 3.67 12.21 -29.84
N THR B 235 4.53 11.50 -30.58
CA THR B 235 5.73 12.05 -31.23
C THR B 235 6.88 12.12 -30.22
N LEU C 1 13.77 -36.98 37.86
CA LEU C 1 13.70 -36.77 36.38
C LEU C 1 14.88 -36.31 35.48
N ASP C 2 15.11 -37.07 34.40
CA ASP C 2 16.09 -36.75 33.37
C ASP C 2 15.60 -35.57 32.50
N VAL C 3 16.47 -34.58 32.32
CA VAL C 3 16.17 -33.37 31.59
C VAL C 3 16.22 -33.58 30.07
N THR C 4 15.22 -32.99 29.39
CA THR C 4 15.20 -32.83 27.94
C THR C 4 14.68 -31.42 27.63
N CYS C 5 14.86 -30.98 26.38
CA CYS C 5 14.52 -29.62 25.95
C CYS C 5 13.04 -29.29 26.08
N ASN C 6 12.17 -30.30 26.05
CA ASN C 6 10.73 -30.13 26.05
C ASN C 6 10.07 -29.83 27.42
N ILE C 7 10.89 -29.58 28.45
CA ILE C 7 10.43 -29.00 29.71
C ILE C 7 11.38 -27.89 30.13
N LYS C 8 10.81 -26.71 30.43
CA LYS C 8 11.57 -25.51 30.81
C LYS C 8 12.80 -25.30 29.94
N ASN C 9 12.64 -25.54 28.63
CA ASN C 9 13.71 -25.35 27.65
C ASN C 9 15.03 -26.00 28.10
N GLY C 10 14.93 -27.15 28.76
CA GLY C 10 16.06 -27.83 29.37
C GLY C 10 16.87 -26.95 30.31
N ARG C 11 16.19 -25.98 30.95
CA ARG C 11 16.77 -24.93 31.83
C ARG C 11 17.85 -24.14 31.08
N CYS C 12 17.82 -24.12 29.75
CA CYS C 12 18.70 -23.26 28.96
C CYS C 12 18.08 -21.85 28.91
N GLU C 13 18.92 -20.82 29.05
CA GLU C 13 18.48 -19.43 29.08
C GLU C 13 17.88 -19.04 27.72
N GLN C 14 18.67 -19.22 26.66
CA GLN C 14 18.27 -18.92 25.30
C GLN C 14 17.89 -20.19 24.52
N PHE C 15 18.90 -20.88 23.96
CA PHE C 15 18.67 -21.99 23.02
C PHE C 15 19.00 -23.37 23.59
N CYS C 16 18.02 -24.28 23.54
CA CYS C 16 18.21 -25.70 23.87
C CYS C 16 18.34 -26.61 22.65
N LYS C 17 19.11 -27.70 22.83
CA LYS C 17 19.19 -28.78 21.86
C LYS C 17 19.37 -30.13 22.57
N ASN C 18 18.60 -31.13 22.12
CA ASN C 18 18.68 -32.49 22.63
C ASN C 18 19.86 -33.24 22.05
N SER C 19 20.40 -34.18 22.83
CA SER C 19 21.54 -35.01 22.46
C SER C 19 21.09 -36.46 22.38
N ALA C 20 21.91 -37.28 21.71
CA ALA C 20 21.71 -38.73 21.64
C ALA C 20 21.76 -39.35 23.05
N ASP C 21 22.59 -38.77 23.91
CA ASP C 21 22.72 -39.15 25.32
C ASP C 21 21.52 -38.59 26.10
N ASN C 22 21.57 -38.72 27.43
CA ASN C 22 20.55 -38.18 28.33
C ASN C 22 20.77 -36.70 28.68
N LYS C 23 21.65 -36.03 27.93
CA LYS C 23 22.03 -34.65 28.16
C LYS C 23 21.34 -33.71 27.18
N VAL C 24 21.19 -32.45 27.59
CA VAL C 24 20.85 -31.34 26.69
C VAL C 24 22.11 -30.49 26.52
N VAL C 25 22.15 -29.72 25.43
CA VAL C 25 23.24 -28.79 25.17
C VAL C 25 22.67 -27.39 24.92
N CYS C 26 22.92 -26.48 25.86
CA CYS C 26 22.52 -25.09 25.77
C CYS C 26 23.52 -24.30 24.92
N SER C 27 22.99 -23.30 24.20
CA SER C 27 23.80 -22.34 23.45
C SER C 27 23.19 -20.94 23.56
N CYS C 28 23.89 -19.95 22.99
CA CYS C 28 23.48 -18.55 23.03
C CYS C 28 23.57 -17.90 21.65
N THR C 29 22.89 -16.75 21.50
CA THR C 29 22.91 -15.97 20.28
C THR C 29 24.25 -15.24 20.14
N GLU C 30 24.48 -14.60 18.99
CA GLU C 30 25.79 -14.10 18.55
C GLU C 30 26.76 -13.44 19.57
N GLY C 31 26.35 -12.32 20.18
CA GLY C 31 27.22 -11.54 21.05
C GLY C 31 27.41 -12.07 22.47
N TYR C 32 26.83 -13.24 22.74
CA TYR C 32 26.84 -13.93 24.04
C TYR C 32 27.72 -15.19 23.99
N ARG C 33 28.06 -15.73 25.16
CA ARG C 33 28.75 -17.04 25.35
C ARG C 33 28.07 -17.80 26.49
N LEU C 34 28.29 -19.12 26.56
CA LEU C 34 27.71 -19.95 27.61
C LEU C 34 28.48 -19.72 28.91
N ALA C 35 27.75 -19.51 30.00
CA ALA C 35 28.34 -19.27 31.32
C ALA C 35 28.96 -20.55 31.89
N GLU C 36 29.57 -20.44 33.08
CA GLU C 36 30.22 -21.57 33.75
C GLU C 36 29.25 -22.74 33.96
N ASN C 37 28.02 -22.41 34.38
CA ASN C 37 27.00 -23.43 34.70
C ASN C 37 26.45 -24.20 33.48
N GLN C 38 26.86 -23.79 32.28
CA GLN C 38 26.49 -24.42 31.01
C GLN C 38 24.98 -24.31 30.72
N LYS C 39 24.34 -23.30 31.32
CA LYS C 39 22.92 -23.00 31.13
C LYS C 39 22.72 -21.54 30.72
N SER C 40 23.23 -20.63 31.55
CA SER C 40 23.05 -19.21 31.38
C SER C 40 23.94 -18.63 30.27
N CYS C 41 23.49 -17.49 29.72
CA CYS C 41 24.21 -16.75 28.70
C CYS C 41 24.76 -15.46 29.30
N GLU C 42 26.02 -15.17 29.00
CA GLU C 42 26.69 -13.94 29.44
C GLU C 42 27.28 -13.21 28.24
N PRO C 43 27.46 -11.87 28.32
CA PRO C 43 28.00 -11.09 27.20
C PRO C 43 29.47 -11.40 26.88
N ALA C 44 29.83 -11.36 25.60
CA ALA C 44 31.22 -11.48 25.14
C ALA C 44 31.66 -10.28 24.31
N VAL C 45 30.88 -9.19 24.37
CA VAL C 45 31.17 -7.93 23.68
C VAL C 45 30.69 -6.74 24.53
N PRO C 46 31.20 -5.51 24.28
CA PRO C 46 30.75 -4.33 25.01
C PRO C 46 29.22 -4.14 24.99
N PHE C 47 28.59 -4.33 23.82
CA PHE C 47 27.15 -4.07 23.65
C PHE C 47 26.45 -5.18 22.87
N PRO C 48 26.13 -6.31 23.52
CA PRO C 48 25.41 -7.41 22.87
C PRO C 48 23.93 -7.07 22.62
N CYS C 49 23.33 -7.72 21.63
CA CYS C 49 21.97 -7.43 21.21
C CYS C 49 20.95 -7.61 22.33
N GLY C 50 19.77 -7.02 22.17
CA GLY C 50 18.63 -7.22 23.04
C GLY C 50 18.79 -6.89 24.51
N ARG C 51 19.83 -6.12 24.85
CA ARG C 51 20.23 -5.76 26.24
C ARG C 51 20.11 -4.25 26.45
N VAL C 52 19.44 -3.84 27.54
CA VAL C 52 19.30 -2.45 27.92
C VAL C 52 20.26 -2.17 29.09
N SER C 53 21.04 -1.09 28.96
CA SER C 53 22.04 -0.69 29.95
C SER C 53 21.99 0.83 30.20
N VAL C 54 20.78 1.31 30.54
CA VAL C 54 20.51 2.74 30.75
C VAL C 54 19.81 3.05 32.08
N SER C 55 18.81 2.23 32.44
CA SER C 55 18.01 2.38 33.66
C SER C 55 17.15 3.64 33.62
N VAL D 1 1.90 4.81 18.70
CA VAL D 1 1.24 3.68 19.41
C VAL D 1 0.18 4.24 20.35
N VAL D 2 -1.08 3.84 20.11
CA VAL D 2 -2.23 4.32 20.90
C VAL D 2 -2.40 3.44 22.12
N GLY D 3 -2.74 4.06 23.25
CA GLY D 3 -2.91 3.39 24.53
C GLY D 3 -1.62 2.76 25.03
N GLY D 4 -0.48 3.40 24.69
CA GLY D 4 0.84 2.95 25.08
C GLY D 4 1.38 3.76 26.24
N GLU D 5 2.70 3.67 26.43
CA GLU D 5 3.42 4.41 27.47
C GLU D 5 4.69 5.01 26.88
N ASP D 6 5.25 5.99 27.59
CA ASP D 6 6.49 6.65 27.20
C ASP D 6 7.66 5.74 27.54
N ALA D 7 8.49 5.44 26.54
CA ALA D 7 9.73 4.69 26.74
C ALA D 7 10.74 5.60 27.42
N LYS D 8 11.49 5.04 28.38
CA LYS D 8 12.56 5.77 29.07
C LYS D 8 13.75 5.88 28.13
N PRO D 9 14.64 6.89 28.33
CA PRO D 9 15.60 7.29 27.31
C PRO D 9 16.22 6.19 26.44
N GLY D 10 16.73 5.11 27.05
CA GLY D 10 17.36 4.01 26.33
C GLY D 10 16.74 2.64 26.50
N GLN D 11 15.41 2.60 26.56
CA GLN D 11 14.66 1.37 26.86
C GLN D 11 14.58 0.39 25.69
N PHE D 12 14.62 0.92 24.46
CA PHE D 12 14.53 0.12 23.24
C PHE D 12 15.65 0.51 22.26
N PRO D 13 16.94 0.27 22.63
CA PRO D 13 18.08 0.79 21.88
C PRO D 13 18.21 0.31 20.42
N TRP D 14 17.34 -0.60 19.99
CA TRP D 14 17.36 -1.17 18.64
C TRP D 14 16.43 -0.42 17.68
N GLN D 15 15.53 0.40 18.24
CA GLN D 15 14.59 1.22 17.49
C GLN D 15 15.30 2.31 16.69
N VAL D 16 14.90 2.47 15.42
CA VAL D 16 15.28 3.64 14.62
C VAL D 16 14.07 4.25 13.96
N VAL D 17 14.15 5.56 13.70
CA VAL D 17 13.12 6.30 12.98
C VAL D 17 13.60 6.55 11.54
N LEU D 18 12.64 6.55 10.60
CA LEU D 18 12.91 6.86 9.21
C LEU D 18 12.44 8.28 8.91
N ASN D 19 13.31 9.06 8.27
CA ASN D 19 13.02 10.41 7.82
C ASN D 19 13.23 10.50 6.31
N GLY D 20 12.25 11.08 5.62
CA GLY D 20 12.31 11.36 4.19
C GLY D 20 11.75 12.74 3.94
N LYS D 21 10.86 12.86 2.95
CA LYS D 21 10.16 14.11 2.66
C LYS D 21 9.36 14.60 3.87
N VAL D 22 8.89 13.64 4.69
CA VAL D 22 8.29 13.89 5.99
C VAL D 22 9.11 13.12 7.04
N ASP D 23 9.22 13.69 8.24
CA ASP D 23 9.91 13.07 9.38
C ASP D 23 9.00 12.07 10.08
N ALA D 24 9.60 10.97 10.56
CA ALA D 24 8.93 9.96 11.37
C ALA D 24 7.80 9.23 10.65
N PHE D 25 8.01 8.93 9.36
CA PHE D 25 7.00 8.27 8.52
C PHE D 25 6.98 6.76 8.69
N CYS D 26 8.08 6.20 9.21
CA CYS D 26 8.18 4.77 9.49
C CYS D 26 9.26 4.50 10.53
N GLY D 27 9.20 3.31 11.13
CA GLY D 27 10.19 2.83 12.06
C GLY D 27 11.16 1.86 11.41
N GLY D 28 11.99 1.24 12.25
CA GLY D 28 12.99 0.28 11.83
C GLY D 28 13.71 -0.30 13.04
N SER D 29 14.46 -1.38 12.80
CA SER D 29 15.22 -2.07 13.82
C SER D 29 16.66 -2.26 13.37
N ILE D 30 17.60 -2.00 14.27
CA ILE D 30 19.02 -2.22 14.02
C ILE D 30 19.33 -3.72 14.01
N VAL D 31 19.87 -4.20 12.89
CA VAL D 31 20.33 -5.58 12.73
C VAL D 31 21.80 -5.62 13.10
N ASN D 32 22.58 -4.71 12.50
CA ASN D 32 23.97 -4.47 12.86
C ASN D 32 24.35 -3.00 12.61
N GLU D 33 25.65 -2.69 12.68
CA GLU D 33 26.13 -1.31 12.52
C GLU D 33 25.81 -0.75 11.15
N LYS D 34 25.74 -1.61 10.14
CA LYS D 34 25.53 -1.19 8.75
C LYS D 34 24.16 -1.53 8.13
N TRP D 35 23.29 -2.21 8.88
CA TRP D 35 22.01 -2.71 8.35
C TRP D 35 20.82 -2.52 9.29
N ILE D 36 19.72 -2.02 8.73
CA ILE D 36 18.44 -1.83 9.40
C ILE D 36 17.43 -2.75 8.71
N VAL D 37 16.44 -3.21 9.47
CA VAL D 37 15.30 -3.97 8.92
C VAL D 37 14.02 -3.19 9.21
N THR D 38 13.19 -3.04 8.17
CA THR D 38 11.96 -2.25 8.21
C THR D 38 10.91 -2.99 7.38
N ALA D 39 9.80 -2.32 7.07
CA ALA D 39 8.74 -2.87 6.21
C ALA D 39 8.98 -2.42 4.78
N ALA D 40 8.57 -3.26 3.82
CA ALA D 40 8.79 -2.99 2.39
C ALA D 40 8.03 -1.76 1.91
N HIS D 41 6.81 -1.58 2.44
CA HIS D 41 5.90 -0.53 2.04
C HIS D 41 6.30 0.85 2.59
N CYS D 42 7.29 0.87 3.48
CA CYS D 42 7.94 2.09 3.93
C CYS D 42 8.98 2.61 2.94
N VAL D 43 9.41 1.77 1.99
CA VAL D 43 10.57 2.07 1.14
C VAL D 43 10.44 1.70 -0.34
N GLU D 44 9.21 1.53 -0.83
CA GLU D 44 8.94 1.22 -2.25
C GLU D 44 9.39 2.38 -3.13
N THR D 45 8.89 3.58 -2.82
CA THR D 45 9.24 4.79 -3.55
C THR D 45 10.70 5.14 -3.24
N GLY D 46 11.45 5.51 -4.29
CA GLY D 46 12.89 5.67 -4.22
C GLY D 46 13.35 7.06 -3.82
N VAL D 47 12.84 7.55 -2.67
CA VAL D 47 13.29 8.79 -2.06
C VAL D 47 14.53 8.46 -1.22
N LYS D 48 15.46 9.42 -1.12
CA LYS D 48 16.62 9.30 -0.26
C LYS D 48 16.12 9.25 1.19
N ILE D 49 16.37 8.11 1.85
CA ILE D 49 15.92 7.87 3.23
C ILE D 49 17.05 8.20 4.19
N THR D 50 16.68 8.59 5.41
CA THR D 50 17.62 8.92 6.47
C THR D 50 17.17 8.18 7.73
N VAL D 51 18.15 7.54 8.40
CA VAL D 51 17.91 6.72 9.58
C VAL D 51 18.52 7.40 10.80
N VAL D 52 17.78 7.39 11.92
CA VAL D 52 18.22 7.96 13.17
C VAL D 52 18.07 6.96 14.32
N ALA D 53 19.20 6.57 14.90
CA ALA D 53 19.26 5.71 16.08
C ALA D 53 19.72 6.56 17.25
N GLY D 54 19.36 6.12 18.46
CA GLY D 54 19.65 6.86 19.67
C GLY D 54 18.70 8.03 19.80
N GLU D 55 17.48 7.85 19.30
CA GLU D 55 16.42 8.83 19.38
C GLU D 55 15.64 8.59 20.66
N HIS D 56 14.95 9.64 21.13
CA HIS D 56 14.01 9.53 22.25
C HIS D 56 12.84 10.49 22.05
N ASN D 57 13.17 11.79 21.94
CA ASN D 57 12.23 12.82 21.55
C ASN D 57 12.68 13.38 20.20
N ILE D 58 11.83 13.20 19.19
CA ILE D 58 12.12 13.62 17.80
C ILE D 58 12.12 15.15 17.59
N GLU D 59 11.51 15.89 18.52
CA GLU D 59 11.46 17.36 18.45
C GLU D 59 12.62 18.07 19.16
N GLU D 60 13.31 17.35 20.06
CA GLU D 60 14.45 17.86 20.82
C GLU D 60 15.74 17.13 20.44
N THR D 61 16.86 17.53 21.03
CA THR D 61 18.18 16.93 20.76
C THR D 61 18.81 16.43 22.06
N GLU D 62 19.16 15.14 22.09
CA GLU D 62 19.69 14.47 23.29
C GLU D 62 21.20 14.14 23.24
N HIS D 63 21.86 14.40 22.10
CA HIS D 63 23.28 14.10 21.87
C HIS D 63 23.63 12.61 21.84
N THR D 64 22.60 11.75 21.87
CA THR D 64 22.75 10.30 21.77
C THR D 64 22.47 9.82 20.34
N GLU D 65 21.94 10.72 19.51
CA GLU D 65 21.45 10.43 18.17
C GLU D 65 22.58 10.14 17.18
N GLN D 66 22.25 9.38 16.13
CA GLN D 66 23.16 9.08 15.03
C GLN D 66 22.38 9.03 13.71
N LYS D 67 22.57 10.04 12.87
CA LYS D 67 21.98 10.10 11.55
C LYS D 67 22.86 9.33 10.57
N ARG D 68 22.24 8.53 9.70
CA ARG D 68 22.90 7.81 8.58
C ARG D 68 22.03 7.88 7.34
N ASN D 69 22.67 7.92 6.16
CA ASN D 69 21.99 7.87 4.87
C ASN D 69 21.92 6.44 4.35
N VAL D 70 20.71 6.01 3.96
CA VAL D 70 20.50 4.72 3.31
C VAL D 70 21.08 4.80 1.90
N ILE D 71 21.97 3.85 1.57
CA ILE D 71 22.64 3.79 0.28
C ILE D 71 22.25 2.57 -0.56
N ARG D 72 21.32 1.77 -0.04
CA ARG D 72 20.77 0.56 -0.72
C ARG D 72 19.51 0.10 0.02
N ILE D 73 18.44 -0.17 -0.72
CA ILE D 73 17.19 -0.68 -0.16
C ILE D 73 16.86 -1.98 -0.85
N ILE D 74 16.78 -3.07 -0.07
CA ILE D 74 16.44 -4.39 -0.58
C ILE D 74 15.07 -4.79 -0.05
N PRO D 75 13.98 -4.51 -0.78
CA PRO D 75 12.65 -4.99 -0.41
C PRO D 75 12.59 -6.49 -0.70
N HIS D 76 11.88 -7.26 0.14
CA HIS D 76 11.81 -8.70 -0.04
C HIS D 76 11.29 -8.99 -1.43
N HIS D 77 12.03 -9.80 -2.19
CA HIS D 77 11.80 -10.01 -3.61
C HIS D 77 10.39 -10.50 -4.00
N ASN D 78 9.63 -11.02 -3.04
CA ASN D 78 8.26 -11.49 -3.28
C ASN D 78 7.17 -10.49 -2.92
N TYR D 79 7.54 -9.34 -2.36
CA TYR D 79 6.58 -8.29 -1.91
C TYR D 79 5.96 -7.57 -3.12
N ASN D 80 4.63 -7.43 -3.10
CA ASN D 80 3.88 -6.65 -4.08
C ASN D 80 2.47 -6.31 -3.55
N ALA D 81 2.29 -5.06 -3.13
CA ALA D 81 1.04 -4.59 -2.51
C ALA D 81 -0.17 -4.64 -3.44
N ALA D 82 0.08 -4.57 -4.75
CA ALA D 82 -0.98 -4.73 -5.74
C ALA D 82 -1.61 -6.12 -5.61
N ILE D 83 -0.77 -7.14 -5.37
CA ILE D 83 -1.19 -8.52 -5.22
C ILE D 83 -1.76 -8.71 -3.82
N ASN D 84 -0.91 -8.45 -2.81
CA ASN D 84 -1.32 -8.54 -1.41
C ASN D 84 -0.60 -7.51 -0.56
N LYS D 85 -1.38 -6.78 0.23
CA LYS D 85 -0.92 -5.64 1.02
C LYS D 85 0.17 -5.99 2.04
N TYR D 86 -0.05 -7.11 2.76
CA TYR D 86 0.65 -7.48 4.02
C TYR D 86 1.77 -8.51 3.77
N ASN D 87 1.58 -9.40 2.79
CA ASN D 87 2.43 -10.54 2.56
C ASN D 87 3.82 -10.16 2.05
N HIS D 88 4.86 -10.58 2.78
CA HIS D 88 6.27 -10.28 2.49
C HIS D 88 6.68 -8.83 2.79
N ASP D 89 5.91 -8.16 3.65
CA ASP D 89 6.15 -6.76 3.98
C ASP D 89 7.35 -6.64 4.92
N ILE D 90 8.54 -6.77 4.33
CA ILE D 90 9.81 -6.65 5.04
C ILE D 90 10.88 -6.23 4.05
N ALA D 91 11.83 -5.41 4.53
CA ALA D 91 12.91 -4.87 3.71
C ALA D 91 14.14 -4.58 4.55
N LEU D 92 15.30 -4.52 3.88
CA LEU D 92 16.58 -4.21 4.52
C LEU D 92 17.19 -2.93 3.96
N LEU D 93 17.75 -2.10 4.84
CA LEU D 93 18.40 -0.83 4.50
C LEU D 93 19.88 -0.88 4.92
N GLU D 94 20.77 -0.71 3.94
CA GLU D 94 22.21 -0.58 4.19
C GLU D 94 22.56 0.90 4.37
N LEU D 95 23.31 1.21 5.43
CA LEU D 95 23.68 2.57 5.79
C LEU D 95 25.04 2.94 5.16
N ASP D 96 25.31 4.25 5.05
CA ASP D 96 26.54 4.73 4.40
C ASP D 96 27.75 4.49 5.29
N GLU D 97 27.70 5.01 6.53
CA GLU D 97 28.73 4.82 7.53
C GLU D 97 28.20 3.88 8.61
N PRO D 98 29.05 3.03 9.22
CA PRO D 98 28.63 2.23 10.38
C PRO D 98 28.16 3.08 11.57
N LEU D 99 27.06 2.67 12.20
CA LEU D 99 26.70 3.15 13.53
C LEU D 99 27.84 2.71 14.47
N VAL D 100 28.05 3.47 15.55
CA VAL D 100 28.95 3.05 16.62
C VAL D 100 28.10 2.59 17.80
N LEU D 101 28.20 1.29 18.13
CA LEU D 101 27.34 0.68 19.14
C LEU D 101 27.64 1.25 20.52
N ASN D 102 26.58 1.62 21.23
CA ASN D 102 26.66 2.05 22.62
C ASN D 102 25.33 1.74 23.30
N SER D 103 25.11 2.30 24.49
CA SER D 103 23.96 1.95 25.32
C SER D 103 22.60 2.36 24.74
N TYR D 104 22.62 3.41 23.89
CA TYR D 104 21.42 4.00 23.23
C TYR D 104 21.28 3.45 21.80
N VAL D 105 22.37 2.94 21.22
CA VAL D 105 22.38 2.33 19.89
C VAL D 105 22.90 0.88 19.99
N THR D 106 21.96 -0.09 20.10
CA THR D 106 22.30 -1.51 20.20
C THR D 106 21.40 -2.35 19.30
N PRO D 107 21.95 -3.33 18.54
CA PRO D 107 21.15 -4.23 17.70
C PRO D 107 20.09 -5.03 18.46
N ILE D 108 19.12 -5.59 17.71
CA ILE D 108 18.13 -6.52 18.24
C ILE D 108 18.63 -7.92 17.88
N CYS D 109 18.47 -8.86 18.81
CA CYS D 109 18.86 -10.25 18.59
C CYS D 109 17.89 -10.87 17.58
N ILE D 110 18.44 -11.66 16.66
CA ILE D 110 17.66 -12.42 15.69
C ILE D 110 18.07 -13.88 15.80
N ALA D 111 17.15 -14.70 16.34
CA ALA D 111 17.36 -16.13 16.55
C ALA D 111 17.27 -16.87 15.20
N ASP D 112 17.09 -18.19 15.26
CA ASP D 112 16.91 -19.00 14.07
C ASP D 112 15.43 -19.25 13.82
N LYS D 113 15.13 -19.88 12.67
CA LYS D 113 13.76 -20.17 12.27
C LYS D 113 12.93 -20.69 13.45
N GLU D 114 13.50 -21.66 14.16
CA GLU D 114 12.79 -22.46 15.15
C GLU D 114 12.50 -21.67 16.43
N TYR D 115 13.53 -21.01 16.96
CA TYR D 115 13.46 -20.30 18.27
C TYR D 115 12.75 -18.95 18.11
N THR D 116 12.93 -18.27 16.96
CA THR D 116 12.15 -17.09 16.64
C THR D 116 10.64 -17.40 16.77
N ASN D 117 10.22 -18.55 16.23
CA ASN D 117 8.83 -18.98 16.31
C ASN D 117 8.40 -19.37 17.72
N ILE D 118 9.32 -19.97 18.49
CA ILE D 118 9.05 -20.37 19.86
C ILE D 118 8.81 -19.10 20.67
N PHE D 119 9.72 -18.14 20.53
CA PHE D 119 9.63 -16.86 21.22
C PHE D 119 8.34 -16.10 20.86
N LEU D 120 7.93 -16.14 19.59
CA LEU D 120 6.64 -15.60 19.17
C LEU D 120 5.48 -16.27 19.91
N LYS D 121 5.56 -17.59 20.07
CA LYS D 121 4.49 -18.40 20.67
C LYS D 121 4.37 -18.26 22.18
N PHE D 122 5.33 -17.57 22.81
CA PHE D 122 5.22 -17.15 24.21
C PHE D 122 3.92 -16.39 24.40
N GLY D 123 3.59 -15.55 23.41
CA GLY D 123 2.28 -14.95 23.28
C GLY D 123 2.15 -13.52 23.76
N SER D 124 3.29 -12.80 23.79
CA SER D 124 3.32 -11.39 24.20
C SER D 124 4.62 -10.73 23.77
N GLY D 125 4.51 -9.69 22.94
CA GLY D 125 5.63 -8.94 22.44
C GLY D 125 5.50 -7.45 22.73
N TYR D 126 6.60 -6.73 22.59
CA TYR D 126 6.69 -5.25 22.70
C TYR D 126 6.73 -4.62 21.32
N VAL D 127 5.74 -3.77 21.00
CA VAL D 127 5.74 -2.93 19.81
C VAL D 127 5.97 -1.49 20.22
N SER D 128 6.69 -0.75 19.36
CA SER D 128 7.11 0.61 19.66
C SER D 128 7.35 1.46 18.40
N GLY D 129 7.34 2.78 18.58
CA GLY D 129 7.58 3.75 17.53
C GLY D 129 6.99 5.12 17.85
N TRP D 130 7.38 6.12 17.06
CA TRP D 130 6.85 7.49 17.17
C TRP D 130 5.67 7.69 16.21
N GLY D 131 4.68 6.80 16.30
CA GLY D 131 3.52 6.81 15.46
C GLY D 131 2.47 7.72 16.06
N ARG D 132 1.23 7.56 15.63
CA ARG D 132 0.07 8.37 16.10
C ARG D 132 -0.28 7.94 17.52
N VAL D 133 -0.47 8.90 18.43
CA VAL D 133 -0.87 8.66 19.81
C VAL D 133 -2.39 8.38 19.88
N PHE D 134 -3.11 8.71 18.79
CA PHE D 134 -4.51 8.37 18.61
C PHE D 134 -4.77 7.87 17.18
N HIS D 135 -5.98 7.34 16.96
CA HIS D 135 -6.41 6.85 15.64
C HIS D 135 -6.12 7.88 14.54
N LYS D 136 -6.64 9.10 14.73
CA LYS D 136 -6.32 10.28 13.92
C LYS D 136 -5.60 11.28 14.83
N GLY D 137 -4.28 11.42 14.64
CA GLY D 137 -3.48 12.33 15.45
C GLY D 137 -2.12 12.65 14.87
N ARG D 138 -1.39 13.50 15.58
CA ARG D 138 0.00 13.91 15.25
C ARG D 138 0.95 12.78 15.65
N SER D 139 2.19 12.81 15.13
CA SER D 139 3.24 11.87 15.53
C SER D 139 3.56 12.08 17.01
N ALA D 140 3.91 10.97 17.69
CA ALA D 140 4.28 11.00 19.09
C ALA D 140 5.55 11.82 19.28
N LEU D 141 5.62 12.54 20.40
CA LEU D 141 6.78 13.36 20.73
C LEU D 141 7.89 12.43 21.23
N VAL D 142 7.62 11.74 22.35
CA VAL D 142 8.53 10.74 22.90
C VAL D 142 8.16 9.33 22.40
N LEU D 143 9.18 8.46 22.34
CA LEU D 143 9.03 7.08 21.90
C LEU D 143 7.95 6.36 22.71
N GLN D 144 7.03 5.71 21.99
CA GLN D 144 5.92 4.98 22.60
C GLN D 144 6.13 3.48 22.44
N TYR D 145 5.77 2.72 23.48
CA TYR D 145 5.80 1.23 23.50
C TYR D 145 4.47 0.70 24.05
N LEU D 146 4.07 -0.49 23.57
CA LEU D 146 2.88 -1.19 24.04
C LEU D 146 3.12 -2.68 23.95
N ARG D 147 2.70 -3.40 24.99
CA ARG D 147 2.75 -4.89 25.07
C ARG D 147 1.48 -5.45 24.41
N VAL D 148 1.65 -6.29 23.39
CA VAL D 148 0.53 -6.79 22.59
C VAL D 148 0.46 -8.32 22.66
N PRO D 149 -0.67 -8.89 23.14
CA PRO D 149 -0.82 -10.34 23.19
C PRO D 149 -1.04 -10.94 21.78
N LEU D 150 -0.33 -12.04 21.47
CA LEU D 150 -0.47 -12.75 20.21
C LEU D 150 -1.87 -13.34 20.11
N VAL D 151 -2.47 -13.24 18.93
CA VAL D 151 -3.84 -13.68 18.67
C VAL D 151 -3.89 -14.85 17.69
N ASP D 152 -4.75 -15.82 18.02
CA ASP D 152 -5.04 -16.98 17.18
C ASP D 152 -5.47 -16.54 15.78
N ARG D 153 -4.87 -17.15 14.75
CA ARG D 153 -5.07 -16.78 13.33
C ARG D 153 -6.54 -17.01 12.94
N ALA D 154 -7.19 -18.03 13.52
CA ALA D 154 -8.59 -18.30 13.26
C ALA D 154 -9.46 -17.14 13.75
N THR D 155 -9.28 -16.75 15.02
CA THR D 155 -10.04 -15.67 15.64
C THR D 155 -9.76 -14.32 14.98
N CYS D 156 -8.49 -14.11 14.57
CA CYS D 156 -8.09 -12.89 13.87
C CYS D 156 -8.79 -12.79 12.50
N LEU D 157 -8.74 -13.89 11.74
CA LEU D 157 -9.36 -13.99 10.43
C LEU D 157 -10.86 -13.77 10.49
N ARG D 158 -11.51 -14.32 11.53
CA ARG D 158 -12.97 -14.16 11.78
C ARG D 158 -13.29 -12.70 12.08
N SER D 159 -12.29 -11.91 12.42
CA SER D 159 -12.55 -10.53 12.74
C SER D 159 -12.08 -9.53 11.70
N THR D 160 -10.88 -9.69 11.20
CA THR D 160 -10.32 -8.70 10.29
C THR D 160 -10.71 -8.90 8.82
N LYS D 161 -11.09 -10.14 8.48
CA LYS D 161 -11.54 -10.51 7.13
C LYS D 161 -10.42 -10.69 6.11
N PHE D 162 -9.20 -10.18 6.40
CA PHE D 162 -7.99 -10.57 5.68
C PHE D 162 -7.61 -12.03 5.96
N THR D 163 -7.07 -12.71 4.95
CA THR D 163 -6.48 -14.04 5.13
C THR D 163 -5.09 -13.84 5.70
N ILE D 164 -4.77 -14.58 6.77
CA ILE D 164 -3.47 -14.55 7.39
C ILE D 164 -2.64 -15.69 6.81
N TYR D 165 -1.70 -15.33 5.93
CA TYR D 165 -0.68 -16.25 5.37
C TYR D 165 0.28 -16.65 6.50
N ASN D 166 1.08 -17.71 6.27
CA ASN D 166 2.04 -18.16 7.27
C ASN D 166 3.18 -17.19 7.51
N ASN D 167 3.30 -16.17 6.64
CA ASN D 167 4.26 -15.09 6.82
C ASN D 167 3.74 -13.91 7.66
N MET D 168 2.49 -14.01 8.12
CA MET D 168 1.83 -12.96 8.90
C MET D 168 1.38 -13.50 10.26
N PHE D 169 1.05 -12.58 11.18
CA PHE D 169 0.37 -12.92 12.43
C PHE D 169 -0.27 -11.69 13.06
N CYS D 170 -1.31 -11.93 13.88
CA CYS D 170 -2.08 -10.87 14.52
C CYS D 170 -1.73 -10.72 15.99
N ALA D 171 -1.79 -9.48 16.49
CA ALA D 171 -1.55 -9.17 17.90
C ALA D 171 -2.27 -7.88 18.30
N GLY D 172 -2.76 -7.84 19.54
CA GLY D 172 -3.50 -6.71 20.07
C GLY D 172 -4.75 -7.17 20.81
N PHE D 173 -5.72 -6.26 20.93
CA PHE D 173 -6.93 -6.46 21.72
C PHE D 173 -8.16 -6.37 20.84
N HIS D 174 -9.27 -6.95 21.31
CA HIS D 174 -10.52 -6.97 20.55
C HIS D 174 -11.25 -5.65 20.70
N GLU D 175 -11.68 -5.35 21.93
CA GLU D 175 -12.49 -4.17 22.25
C GLU D 175 -11.87 -2.86 21.75
N GLY D 176 -10.55 -2.76 21.84
CA GLY D 176 -9.79 -1.68 21.24
C GLY D 176 -9.29 -0.65 22.23
N GLY D 177 -8.61 0.37 21.69
CA GLY D 177 -7.94 1.41 22.44
C GLY D 177 -6.43 1.27 22.35
N ARG D 178 -5.95 0.05 22.10
CA ARG D 178 -4.52 -0.32 22.13
C ARG D 178 -4.13 -1.00 20.82
N ASP D 179 -3.09 -0.48 20.14
CA ASP D 179 -2.59 -0.99 18.87
C ASP D 179 -1.49 -0.04 18.35
N SER D 180 -0.64 -0.55 17.47
CA SER D 180 0.28 0.27 16.68
C SER D 180 -0.52 1.02 15.61
N CYS D 181 0.03 2.16 15.15
CA CYS D 181 -0.58 2.98 14.12
C CYS D 181 0.39 3.28 12.99
N GLN D 182 -0.10 4.01 11.98
CA GLN D 182 0.73 4.58 10.94
C GLN D 182 1.85 5.40 11.58
N GLY D 183 3.07 5.18 11.09
CA GLY D 183 4.28 5.80 11.62
C GLY D 183 5.09 4.79 12.37
N ASP D 184 4.40 3.92 13.12
CA ASP D 184 5.01 2.79 13.80
C ASP D 184 5.47 1.74 12.78
N ALA D 185 4.80 1.71 11.62
CA ALA D 185 5.08 0.74 10.55
C ALA D 185 6.58 0.62 10.25
N GLY D 186 7.02 -0.62 10.03
CA GLY D 186 8.42 -0.95 9.83
C GLY D 186 9.20 -1.13 11.12
N GLY D 187 8.52 -0.87 12.26
CA GLY D 187 9.12 -0.94 13.57
C GLY D 187 9.17 -2.36 14.10
N PRO D 188 9.83 -2.58 15.26
CA PRO D 188 9.96 -3.93 15.83
C PRO D 188 8.75 -4.40 16.64
N HIS D 189 8.30 -5.64 16.39
CA HIS D 189 7.57 -6.43 17.37
C HIS D 189 8.61 -7.37 17.96
N VAL D 190 8.84 -7.24 19.27
CA VAL D 190 9.95 -7.86 19.96
C VAL D 190 9.47 -8.65 21.17
N THR D 191 9.96 -9.89 21.31
CA THR D 191 9.71 -10.72 22.49
C THR D 191 10.97 -10.76 23.34
N GLU D 192 10.79 -10.63 24.66
CA GLU D 192 11.89 -10.65 25.62
C GLU D 192 11.96 -11.98 26.38
N VAL D 193 13.17 -12.52 26.51
CA VAL D 193 13.42 -13.81 27.16
C VAL D 193 14.65 -13.70 28.07
N GLU D 194 14.43 -13.91 29.37
CA GLU D 194 15.46 -13.81 30.38
C GLU D 194 16.23 -12.47 30.28
N GLY D 195 15.50 -11.40 29.98
CA GLY D 195 16.05 -10.06 29.85
C GLY D 195 16.88 -9.82 28.61
N THR D 196 16.60 -10.58 27.54
CA THR D 196 17.19 -10.36 26.21
C THR D 196 16.07 -10.35 25.17
N SER D 197 16.13 -9.36 24.28
CA SER D 197 15.07 -9.09 23.31
C SER D 197 15.40 -9.65 21.93
N PHE D 198 14.43 -10.38 21.37
CA PHE D 198 14.54 -10.99 20.05
C PHE D 198 13.49 -10.43 19.10
N LEU D 199 13.89 -10.17 17.86
CA LEU D 199 12.98 -9.69 16.82
C LEU D 199 12.05 -10.83 16.40
N THR D 200 10.79 -10.75 16.84
CA THR D 200 9.77 -11.74 16.48
C THR D 200 8.77 -11.25 15.43
N GLY D 201 8.76 -9.94 15.14
CA GLY D 201 7.88 -9.38 14.15
C GLY D 201 8.27 -8.00 13.62
N ILE D 202 7.76 -7.67 12.43
CA ILE D 202 7.84 -6.33 11.84
C ILE D 202 6.44 -5.73 11.79
N ILE D 203 6.31 -4.47 12.23
CA ILE D 203 5.03 -3.76 12.27
C ILE D 203 4.65 -3.36 10.84
N SER D 204 3.45 -3.75 10.41
CA SER D 204 2.99 -3.54 9.04
C SER D 204 2.11 -2.28 8.95
N TRP D 205 1.23 -2.25 7.93
CA TRP D 205 0.23 -1.22 7.77
C TRP D 205 -0.56 -1.07 9.06
N GLY D 206 -0.83 0.17 9.46
CA GLY D 206 -1.48 0.48 10.72
C GLY D 206 -2.65 1.47 10.65
N GLU D 207 -3.17 1.70 9.43
CA GLU D 207 -4.39 2.48 9.26
C GLU D 207 -5.52 1.75 9.99
N GLU D 208 -6.38 2.54 10.65
CA GLU D 208 -7.51 2.05 11.43
C GLU D 208 -7.05 1.28 12.67
N CYS D 209 -6.20 1.94 13.49
CA CYS D 209 -5.78 1.37 14.76
C CYS D 209 -6.98 1.33 15.70
N ALA D 210 -6.98 0.33 16.58
CA ALA D 210 -7.84 0.26 17.75
C ALA D 210 -9.37 0.30 17.50
N MET D 211 -9.80 -0.06 16.28
CA MET D 211 -11.23 -0.20 15.97
C MET D 211 -11.74 -1.48 16.64
N LYS D 212 -12.94 -1.42 17.22
CA LYS D 212 -13.51 -2.53 17.98
C LYS D 212 -13.57 -3.79 17.11
N GLY D 213 -12.88 -4.84 17.56
CA GLY D 213 -12.83 -6.12 16.86
C GLY D 213 -11.88 -6.12 15.67
N LYS D 214 -10.77 -5.38 15.79
CA LYS D 214 -9.72 -5.32 14.78
C LYS D 214 -8.35 -5.33 15.45
N TYR D 215 -7.63 -6.45 15.28
CA TYR D 215 -6.27 -6.69 15.83
C TYR D 215 -5.23 -6.09 14.88
N GLY D 216 -4.02 -5.83 15.39
CA GLY D 216 -2.91 -5.37 14.59
C GLY D 216 -2.31 -6.53 13.81
N ILE D 217 -1.91 -6.26 12.55
CA ILE D 217 -1.33 -7.25 11.67
C ILE D 217 0.16 -6.97 11.53
N TYR D 218 0.98 -8.01 11.75
CA TYR D 218 2.46 -7.95 11.81
C TYR D 218 3.06 -9.01 10.88
N THR D 219 4.26 -8.74 10.37
CA THR D 219 5.02 -9.64 9.51
C THR D 219 5.82 -10.60 10.40
N LYS D 220 5.69 -11.89 10.13
CA LYS D 220 6.27 -12.96 10.97
C LYS D 220 7.75 -13.15 10.65
N VAL D 221 8.63 -12.62 11.51
CA VAL D 221 10.06 -12.58 11.27
C VAL D 221 10.70 -13.96 11.13
N SER D 222 10.21 -14.94 11.91
CA SER D 222 10.74 -16.31 11.86
C SER D 222 10.97 -16.79 10.43
N ARG D 223 10.05 -16.44 9.53
CA ARG D 223 10.03 -16.89 8.10
C ARG D 223 11.13 -16.22 7.27
N TYR D 224 11.76 -15.15 7.75
CA TYR D 224 12.70 -14.30 6.97
C TYR D 224 14.09 -14.23 7.62
N VAL D 225 14.31 -15.02 8.69
CA VAL D 225 15.55 -14.97 9.46
C VAL D 225 16.77 -15.29 8.58
N ASN D 226 16.66 -16.37 7.78
CA ASN D 226 17.76 -16.80 6.90
C ASN D 226 18.14 -15.69 5.94
N TRP D 227 17.11 -15.12 5.29
CA TRP D 227 17.26 -14.04 4.33
C TRP D 227 17.92 -12.82 4.97
N ILE D 228 17.45 -12.41 6.16
CA ILE D 228 18.01 -11.29 6.90
C ILE D 228 19.51 -11.50 7.09
N LYS D 229 19.85 -12.66 7.69
CA LYS D 229 21.23 -12.98 8.06
C LYS D 229 22.15 -13.06 6.84
N GLU D 230 21.63 -13.65 5.76
CA GLU D 230 22.33 -13.73 4.49
C GLU D 230 22.72 -12.34 3.96
N LYS D 231 21.74 -11.45 3.87
CA LYS D 231 21.89 -10.13 3.24
C LYS D 231 22.65 -9.10 4.07
N THR D 232 22.49 -9.16 5.40
CA THR D 232 23.10 -8.19 6.31
C THR D 232 24.48 -8.63 6.81
N LYS D 233 24.99 -9.73 6.27
CA LYS D 233 26.28 -10.31 6.67
C LYS D 233 27.44 -9.35 6.38
N LEU D 234 28.10 -8.88 7.45
CA LEU D 234 29.16 -7.88 7.39
C LEU D 234 30.41 -8.38 6.66
N THR D 235 30.82 -9.62 6.98
CA THR D 235 32.01 -10.28 6.42
C THR D 235 31.84 -10.54 4.91
#